data_2DSW
#
_entry.id   2DSW
#
_cell.length_a   62.660
_cell.length_b   66.480
_cell.length_c   107.526
_cell.angle_alpha   90.00
_cell.angle_beta   90.00
_cell.angle_gamma   90.00
#
_symmetry.space_group_name_H-M   'P 21 21 21'
#
loop_
_entity.id
_entity.type
_entity.pdbx_description
1 polymer 'Chitinase-3-like protein 1'
2 branched alpha-D-mannopyranose-(1-4)-alpha-D-mannopyranose-(1-4)-2-acetamido-2-deoxy-beta-D-glucopyranose-(1-4)-2-acetamido-2-deoxy-beta-D-glucopyranose
3 branched 2-acetamido-2-deoxy-beta-D-glucopyranose-(1-4)-2-acetamido-2-deoxy-beta-D-glucopyranose-(1-4)-2-acetamido-2-deoxy-beta-D-glucopyranose-(1-4)-2-acetamido-2-deoxy-beta-D-glucopyranose-(1-4)-2-acetamido-2-deoxy-beta-D-glucopyranose
4 water water
#
_entity_poly.entity_id   1
_entity_poly.type   'polypeptide(L)'
_entity_poly.pdbx_seq_one_letter_code
;YKLICYYTSWSQYREGDGSCFPDAIDPFLCTHVIYSFANISNNEIDTWEWNDVTLYDTLNTLKNRNPKLKTLLSVGGWNF
GPERFSAIASKTQSRRTFIKSVPPFLRTHGFDGLDLAWLYPGRRDKRHLTTLVKEMKAEFIREAQAGTEQLLLSAAVSAG
KIAIDRGYDIAQISRHLDFISLLTYDFHGAWRQTVGHHSPLFAGNEDASSRFSNADYAVSYMLRLGAPANKLVMGIPTFG
RSFTLASSKTDVGAPVSGPGVPGRFTKEKGILAYYEICDFLHGATTHRFRDQQVPYATKGNQWVAYDDQESVKNKARYLK
NRQLAGAMVWALDLDDFRGTFCGQNLTFPLTSAVKDVLAEV
;
_entity_poly.pdbx_strand_id   A
#
loop_
_chem_comp.id
_chem_comp.type
_chem_comp.name
_chem_comp.formula
MAN D-saccharide, alpha linking alpha-D-mannopyranose 'C6 H12 O6'
NAG D-saccharide, beta linking 2-acetamido-2-deoxy-beta-D-glucopyranose 'C8 H15 N O6'
#
# COMPACT_ATOMS: atom_id res chain seq x y z
N TYR A 1 8.64 -13.41 9.31
CA TYR A 1 8.25 -12.48 8.22
C TYR A 1 6.82 -12.01 8.35
N LYS A 2 6.62 -10.71 8.08
CA LYS A 2 5.31 -10.08 8.18
C LYS A 2 4.68 -9.91 6.81
N LEU A 3 3.35 -9.99 6.76
CA LEU A 3 2.63 -9.80 5.51
C LEU A 3 1.50 -8.81 5.83
N ILE A 4 1.71 -7.54 5.46
CA ILE A 4 0.72 -6.50 5.73
C ILE A 4 -0.22 -6.31 4.53
N CYS A 5 -1.50 -6.51 4.77
CA CYS A 5 -2.48 -6.39 3.70
C CYS A 5 -3.51 -5.32 3.97
N TYR A 6 -3.66 -4.42 3.01
CA TYR A 6 -4.62 -3.33 3.10
C TYR A 6 -5.97 -3.77 2.55
N TYR A 7 -7.03 -3.37 3.23
CA TYR A 7 -8.37 -3.66 2.76
C TYR A 7 -9.02 -2.27 2.66
N THR A 8 -9.63 -1.98 1.51
CA THR A 8 -10.24 -0.67 1.34
C THR A 8 -11.75 -0.61 1.50
N SER A 9 -12.18 0.39 2.27
CA SER A 9 -13.58 0.65 2.59
C SER A 9 -14.54 0.65 1.41
N TRP A 10 -14.20 1.46 0.41
CA TRP A 10 -15.03 1.64 -0.78
C TRP A 10 -15.13 0.49 -1.77
N SER A 11 -14.46 -0.63 -1.52
CA SER A 11 -14.55 -1.74 -2.44
C SER A 11 -15.89 -2.48 -2.26
N GLN A 12 -16.66 -2.05 -1.27
CA GLN A 12 -17.96 -2.67 -1.01
C GLN A 12 -18.99 -2.24 -2.06
N TYR A 13 -18.79 -1.05 -2.61
CA TYR A 13 -19.70 -0.48 -3.60
C TYR A 13 -19.46 -0.91 -5.03
N ARG A 14 -18.44 -1.73 -5.27
CA ARG A 14 -18.17 -2.17 -6.64
C ARG A 14 -19.29 -3.12 -7.04
N GLU A 15 -19.83 -2.98 -8.24
CA GLU A 15 -20.93 -3.84 -8.63
C GLU A 15 -20.60 -5.27 -8.97
N GLY A 16 -21.60 -6.12 -8.80
CA GLY A 16 -21.42 -7.52 -9.09
C GLY A 16 -20.34 -8.14 -8.24
N ASP A 17 -19.52 -8.97 -8.88
CA ASP A 17 -18.42 -9.68 -8.25
C ASP A 17 -17.36 -8.74 -7.69
N GLY A 18 -17.28 -7.53 -8.22
CA GLY A 18 -16.29 -6.60 -7.73
C GLY A 18 -16.51 -6.23 -6.27
N SER A 19 -17.70 -6.51 -5.73
CA SER A 19 -18.01 -6.18 -4.35
C SER A 19 -17.21 -7.05 -3.39
N CYS A 20 -16.50 -6.40 -2.48
CA CYS A 20 -15.67 -7.09 -1.50
C CYS A 20 -15.90 -6.59 -0.09
N PHE A 21 -16.29 -7.52 0.78
CA PHE A 21 -16.53 -7.22 2.20
C PHE A 21 -15.50 -7.96 3.04
N PRO A 22 -15.18 -7.44 4.23
CA PRO A 22 -14.21 -8.06 5.15
C PRO A 22 -14.26 -9.57 5.28
N ASP A 23 -15.45 -10.16 5.22
CA ASP A 23 -15.54 -11.61 5.36
C ASP A 23 -15.00 -12.41 4.16
N ALA A 24 -14.65 -11.73 3.08
CA ALA A 24 -14.09 -12.40 1.90
C ALA A 24 -12.61 -12.63 2.14
N ILE A 25 -12.11 -12.14 3.27
CA ILE A 25 -10.70 -12.26 3.62
C ILE A 25 -10.37 -13.58 4.33
N ASP A 26 -9.28 -14.20 3.88
CA ASP A 26 -8.81 -15.45 4.46
C ASP A 26 -8.08 -15.02 5.73
N PRO A 27 -8.57 -15.47 6.90
CA PRO A 27 -7.92 -15.09 8.16
C PRO A 27 -6.50 -15.59 8.37
N PHE A 28 -6.04 -16.50 7.51
CA PHE A 28 -4.71 -17.03 7.67
C PHE A 28 -3.72 -16.58 6.60
N LEU A 29 -4.20 -15.73 5.70
CA LEU A 29 -3.39 -15.21 4.61
C LEU A 29 -2.28 -14.29 5.11
N CYS A 30 -2.69 -13.13 5.61
CA CYS A 30 -1.77 -12.12 6.10
C CYS A 30 -1.54 -12.20 7.61
N THR A 31 -0.51 -11.50 8.08
CA THR A 31 -0.22 -11.46 9.51
C THR A 31 -0.90 -10.23 10.09
N HIS A 32 -1.05 -9.19 9.25
CA HIS A 32 -1.68 -7.94 9.66
C HIS A 32 -2.59 -7.46 8.55
N VAL A 33 -3.82 -7.07 8.89
CA VAL A 33 -4.74 -6.53 7.90
C VAL A 33 -5.01 -5.08 8.31
N ILE A 34 -4.88 -4.17 7.37
CA ILE A 34 -5.08 -2.75 7.65
C ILE A 34 -6.30 -2.20 6.94
N TYR A 35 -7.22 -1.62 7.71
CA TYR A 35 -8.44 -1.04 7.16
C TYR A 35 -8.18 0.40 6.71
N SER A 36 -8.51 0.73 5.46
CA SER A 36 -8.32 2.07 4.91
C SER A 36 -9.66 2.68 4.51
N PHE A 37 -9.97 3.91 4.91
CA PHE A 37 -9.13 4.79 5.73
C PHE A 37 -10.05 5.41 6.78
N ALA A 38 -9.46 5.98 7.82
CA ALA A 38 -10.24 6.63 8.86
C ALA A 38 -10.20 8.14 8.55
N ASN A 39 -11.09 8.92 9.16
CA ASN A 39 -11.16 10.38 8.93
C ASN A 39 -10.63 11.06 10.20
N ILE A 40 -10.72 12.38 10.21
CA ILE A 40 -10.33 13.18 11.34
C ILE A 40 -11.34 14.32 11.43
N SER A 41 -12.00 14.44 12.58
CA SER A 41 -12.98 15.50 12.79
C SER A 41 -12.77 16.18 14.12
N ASN A 42 -12.79 17.51 14.11
CA ASN A 42 -12.58 18.27 15.32
C ASN A 42 -11.29 17.73 15.93
N ASN A 43 -10.29 17.54 15.07
CA ASN A 43 -8.98 17.04 15.47
C ASN A 43 -9.04 15.70 16.23
N GLU A 44 -9.99 14.85 15.88
CA GLU A 44 -10.13 13.54 16.53
C GLU A 44 -10.29 12.48 15.46
N ILE A 45 -9.80 11.29 15.73
CA ILE A 45 -9.97 10.26 14.73
C ILE A 45 -11.47 9.99 14.64
N ASP A 46 -11.93 9.51 13.49
CA ASP A 46 -13.36 9.27 13.33
C ASP A 46 -13.59 8.37 12.12
N THR A 47 -14.80 7.82 11.98
CA THR A 47 -15.10 6.94 10.86
C THR A 47 -15.18 7.69 9.53
N TRP A 48 -15.36 6.96 8.44
CA TRP A 48 -15.43 7.56 7.12
C TRP A 48 -16.72 7.15 6.40
N GLU A 49 -16.91 5.85 6.21
CA GLU A 49 -18.11 5.33 5.56
C GLU A 49 -19.23 5.28 6.59
N TRP A 50 -20.47 5.25 6.11
CA TRP A 50 -21.61 5.21 7.02
C TRP A 50 -21.69 3.89 7.80
N ASN A 51 -21.16 2.81 7.21
CA ASN A 51 -21.21 1.52 7.88
C ASN A 51 -19.84 1.01 8.36
N ASP A 52 -18.93 1.93 8.68
CA ASP A 52 -17.62 1.50 9.15
C ASP A 52 -17.71 0.68 10.44
N VAL A 53 -18.48 1.12 11.42
CA VAL A 53 -18.55 0.33 12.65
C VAL A 53 -18.99 -1.10 12.35
N THR A 54 -19.80 -1.31 11.31
CA THR A 54 -20.21 -2.67 11.00
C THR A 54 -19.06 -3.43 10.33
N LEU A 55 -18.46 -2.84 9.31
CA LEU A 55 -17.36 -3.50 8.64
C LEU A 55 -16.18 -3.69 9.59
N TYR A 56 -15.97 -2.74 10.49
CA TYR A 56 -14.90 -2.81 11.50
C TYR A 56 -15.10 -4.13 12.26
N ASP A 57 -16.33 -4.30 12.71
CA ASP A 57 -16.79 -5.45 13.46
C ASP A 57 -16.55 -6.74 12.65
N THR A 58 -16.96 -6.72 11.38
CA THR A 58 -16.80 -7.86 10.48
C THR A 58 -15.34 -8.26 10.31
N LEU A 59 -14.49 -7.27 10.14
CA LEU A 59 -13.06 -7.48 9.96
C LEU A 59 -12.44 -8.08 11.22
N ASN A 60 -12.68 -7.43 12.36
CA ASN A 60 -12.10 -7.89 13.61
C ASN A 60 -12.61 -9.23 14.12
N THR A 61 -13.66 -9.77 13.51
CA THR A 61 -14.13 -11.07 13.94
C THR A 61 -13.22 -12.13 13.35
N LEU A 62 -12.47 -11.76 12.30
CA LEU A 62 -11.56 -12.71 11.66
C LEU A 62 -10.59 -13.22 12.72
N LYS A 63 -10.30 -12.38 13.70
CA LYS A 63 -9.39 -12.78 14.77
C LYS A 63 -9.92 -13.90 15.65
N ASN A 64 -11.20 -14.24 15.52
CA ASN A 64 -11.77 -15.33 16.30
C ASN A 64 -11.33 -16.66 15.70
N ARG A 65 -11.03 -16.65 14.41
CA ARG A 65 -10.58 -17.85 13.75
C ARG A 65 -9.05 -17.95 13.73
N ASN A 66 -8.36 -16.82 13.70
CA ASN A 66 -6.92 -16.79 13.75
C ASN A 66 -6.58 -15.78 14.83
N PRO A 67 -6.25 -16.27 16.03
CA PRO A 67 -5.87 -15.44 17.19
C PRO A 67 -4.59 -14.66 17.02
N LYS A 68 -3.75 -15.11 16.11
CA LYS A 68 -2.49 -14.44 15.85
C LYS A 68 -2.70 -13.21 14.97
N LEU A 69 -3.83 -13.15 14.26
CA LEU A 69 -4.09 -12.02 13.37
C LEU A 69 -4.16 -10.67 14.11
N LYS A 70 -3.43 -9.70 13.60
CA LYS A 70 -3.43 -8.35 14.16
C LYS A 70 -4.06 -7.44 13.12
N THR A 71 -4.88 -6.49 13.54
CA THR A 71 -5.49 -5.57 12.59
C THR A 71 -5.17 -4.13 12.99
N LEU A 72 -5.12 -3.24 12.01
CA LEU A 72 -4.83 -1.83 12.27
C LEU A 72 -5.76 -0.92 11.48
N LEU A 73 -5.88 0.32 11.91
CA LEU A 73 -6.72 1.28 11.20
C LEU A 73 -5.78 2.34 10.65
N SER A 74 -5.95 2.67 9.38
CA SER A 74 -5.09 3.66 8.74
C SER A 74 -5.76 5.04 8.66
N VAL A 75 -5.03 6.10 8.98
CA VAL A 75 -5.57 7.46 8.88
C VAL A 75 -4.95 8.17 7.70
N GLY A 76 -5.76 8.97 7.03
CA GLY A 76 -5.23 9.70 5.88
C GLY A 76 -5.62 9.07 4.57
N GLY A 77 -4.63 8.79 3.73
CA GLY A 77 -4.90 8.20 2.43
C GLY A 77 -4.79 9.28 1.36
N TRP A 78 -5.02 8.92 0.08
CA TRP A 78 -4.89 9.95 -0.99
C TRP A 78 -6.09 10.90 -1.14
N ASN A 79 -7.32 10.48 -0.84
CA ASN A 79 -8.46 11.39 -0.97
C ASN A 79 -8.60 12.22 0.31
N PHE A 80 -7.49 12.35 1.03
CA PHE A 80 -7.45 13.11 2.28
C PHE A 80 -6.44 14.24 2.04
N GLY A 81 -6.86 15.48 2.26
CA GLY A 81 -5.94 16.58 2.03
C GLY A 81 -4.72 16.61 2.93
N PRO A 82 -3.49 16.54 2.38
CA PRO A 82 -2.30 16.57 3.22
C PRO A 82 -2.22 17.89 3.98
N GLU A 83 -2.91 18.91 3.47
CA GLU A 83 -2.93 20.21 4.12
C GLU A 83 -3.59 19.97 5.46
N ARG A 84 -4.59 19.09 5.46
CA ARG A 84 -5.31 18.76 6.68
C ARG A 84 -4.40 18.13 7.72
N PHE A 85 -3.50 17.25 7.28
CA PHE A 85 -2.58 16.63 8.23
C PHE A 85 -1.67 17.73 8.74
N SER A 86 -1.25 18.59 7.83
CA SER A 86 -0.38 19.68 8.16
C SER A 86 -0.93 20.56 9.28
N ALA A 87 -2.15 21.03 9.11
CA ALA A 87 -2.78 21.89 10.11
C ALA A 87 -2.92 21.23 11.47
N ILE A 88 -2.99 19.90 11.50
CA ILE A 88 -3.12 19.19 12.77
C ILE A 88 -1.78 18.93 13.44
N ALA A 89 -0.76 18.61 12.65
CA ALA A 89 0.54 18.30 13.20
C ALA A 89 1.35 19.50 13.70
N SER A 90 1.17 20.66 13.10
CA SER A 90 1.94 21.85 13.50
C SER A 90 1.43 22.62 14.72
N LYS A 91 0.19 22.38 15.14
CA LYS A 91 -0.34 23.06 16.32
C LYS A 91 -0.25 22.06 17.45
N THR A 92 0.74 22.19 18.32
CA THR A 92 0.86 21.23 19.42
C THR A 92 -0.46 20.96 20.09
N GLN A 93 -1.34 21.95 20.18
CA GLN A 93 -2.63 21.77 20.83
C GLN A 93 -3.52 20.76 20.09
N SER A 94 -3.74 20.97 18.79
CA SER A 94 -4.57 20.05 18.03
C SER A 94 -3.91 18.69 17.83
N ARG A 95 -2.58 18.67 17.88
CA ARG A 95 -1.83 17.42 17.74
C ARG A 95 -2.10 16.53 18.95
N ARG A 96 -2.07 17.13 20.15
CA ARG A 96 -2.32 16.42 21.38
C ARG A 96 -3.78 15.94 21.43
N THR A 97 -4.68 16.75 20.91
CA THR A 97 -6.10 16.40 20.89
C THR A 97 -6.34 15.16 20.05
N PHE A 98 -5.71 15.12 18.88
CA PHE A 98 -5.85 13.99 17.98
C PHE A 98 -5.23 12.74 18.63
N ILE A 99 -4.02 12.88 19.14
CA ILE A 99 -3.32 11.79 19.79
C ILE A 99 -4.15 11.19 20.92
N LYS A 100 -4.67 12.05 21.79
CA LYS A 100 -5.47 11.58 22.91
C LYS A 100 -6.73 10.83 22.50
N SER A 101 -7.28 11.18 21.34
CA SER A 101 -8.51 10.58 20.84
C SER A 101 -8.33 9.19 20.25
N VAL A 102 -7.11 8.88 19.84
CA VAL A 102 -6.82 7.61 19.18
C VAL A 102 -6.96 6.28 19.91
N PRO A 103 -6.26 6.09 21.05
CA PRO A 103 -6.38 4.81 21.77
C PRO A 103 -7.83 4.37 22.07
N PRO A 104 -8.60 5.21 22.78
CA PRO A 104 -9.96 4.77 23.05
C PRO A 104 -10.73 4.36 21.82
N PHE A 105 -10.47 5.03 20.69
CA PHE A 105 -11.15 4.68 19.45
C PHE A 105 -10.78 3.26 19.03
N LEU A 106 -9.48 3.02 18.88
CA LEU A 106 -9.00 1.70 18.51
C LEU A 106 -9.50 0.66 19.50
N ARG A 107 -9.36 0.96 20.79
CA ARG A 107 -9.81 0.03 21.82
C ARG A 107 -11.29 -0.35 21.68
N THR A 108 -12.15 0.64 21.47
CA THR A 108 -13.57 0.37 21.33
C THR A 108 -13.88 -0.57 20.17
N HIS A 109 -13.34 -0.27 19.01
CA HIS A 109 -13.61 -1.09 17.83
C HIS A 109 -12.76 -2.32 17.64
N GLY A 110 -11.81 -2.55 18.54
CA GLY A 110 -11.01 -3.74 18.45
C GLY A 110 -9.82 -3.79 17.51
N PHE A 111 -9.17 -2.65 17.30
CA PHE A 111 -7.99 -2.61 16.44
C PHE A 111 -6.75 -2.76 17.31
N ASP A 112 -5.67 -3.28 16.73
CA ASP A 112 -4.44 -3.47 17.49
C ASP A 112 -3.42 -2.37 17.26
N GLY A 113 -3.73 -1.45 16.36
CA GLY A 113 -2.79 -0.38 16.12
C GLY A 113 -3.30 0.64 15.14
N LEU A 114 -2.51 1.68 14.98
CA LEU A 114 -2.81 2.77 14.07
C LEU A 114 -1.74 2.85 12.99
N ASP A 115 -2.18 3.12 11.76
CA ASP A 115 -1.26 3.25 10.64
C ASP A 115 -1.40 4.65 10.07
N LEU A 116 -0.31 5.41 10.01
CA LEU A 116 -0.38 6.77 9.49
C LEU A 116 -0.09 6.82 8.01
N ALA A 117 -1.06 7.29 7.23
CA ALA A 117 -0.87 7.39 5.79
C ALA A 117 -0.95 8.86 5.31
N TRP A 118 0.00 9.67 5.76
CA TRP A 118 0.09 11.09 5.39
C TRP A 118 0.78 11.13 4.02
N LEU A 119 0.04 11.51 2.98
CA LEU A 119 0.59 11.56 1.62
C LEU A 119 0.39 12.93 0.94
N TYR A 120 1.40 13.80 0.96
CA TYR A 120 2.68 13.56 1.60
C TYR A 120 3.14 14.78 2.37
N PRO A 121 4.12 14.59 3.27
CA PRO A 121 4.66 15.67 4.09
C PRO A 121 5.56 16.49 3.20
N GLY A 122 5.43 17.81 3.27
CA GLY A 122 6.28 18.66 2.47
C GLY A 122 7.51 18.96 3.29
N ARG A 123 8.28 19.93 2.81
CA ARG A 123 9.49 20.36 3.47
C ARG A 123 9.18 21.04 4.80
N ARG A 124 8.06 21.76 4.86
CA ARG A 124 7.66 22.44 6.09
C ARG A 124 7.04 21.51 7.12
N ASP A 125 6.86 20.24 6.77
CA ASP A 125 6.24 19.26 7.67
C ASP A 125 7.18 18.30 8.37
N LYS A 126 8.34 18.02 7.76
CA LYS A 126 9.29 17.08 8.34
C LYS A 126 9.38 17.17 9.88
N ARG A 127 9.64 18.37 10.38
CA ARG A 127 9.78 18.61 11.82
C ARG A 127 8.57 18.15 12.64
N HIS A 128 7.38 18.30 12.09
CA HIS A 128 6.16 17.91 12.81
C HIS A 128 5.79 16.44 12.66
N LEU A 129 6.07 15.86 11.50
CA LEU A 129 5.79 14.45 11.30
C LEU A 129 6.57 13.71 12.40
N THR A 130 7.83 14.10 12.60
CA THR A 130 8.64 13.47 13.63
C THR A 130 7.96 13.62 14.98
N THR A 131 7.45 14.82 15.22
CA THR A 131 6.78 15.11 16.47
C THR A 131 5.55 14.24 16.68
N LEU A 132 4.71 14.16 15.64
CA LEU A 132 3.49 13.36 15.68
C LEU A 132 3.78 11.91 16.01
N VAL A 133 4.79 11.35 15.36
CA VAL A 133 5.17 9.96 15.60
C VAL A 133 5.67 9.79 17.02
N LYS A 134 6.62 10.65 17.41
CA LYS A 134 7.21 10.64 18.75
C LYS A 134 6.12 10.57 19.83
N GLU A 135 5.32 11.64 19.87
CA GLU A 135 4.25 11.81 20.84
C GLU A 135 3.15 10.76 20.73
N MET A 136 2.84 10.34 19.51
CA MET A 136 1.82 9.33 19.32
C MET A 136 2.29 8.03 19.96
N LYS A 137 3.57 7.69 19.76
CA LYS A 137 4.12 6.46 20.34
C LYS A 137 4.16 6.61 21.86
N ALA A 138 4.65 7.75 22.32
CA ALA A 138 4.75 8.03 23.74
C ALA A 138 3.42 7.73 24.40
N GLU A 139 2.34 8.17 23.75
CA GLU A 139 0.99 7.95 24.25
C GLU A 139 0.62 6.47 24.28
N PHE A 140 0.94 5.73 23.22
CA PHE A 140 0.62 4.30 23.17
C PHE A 140 1.32 3.57 24.30
N ILE A 141 2.53 4.02 24.64
CA ILE A 141 3.29 3.40 25.72
C ILE A 141 2.60 3.64 27.07
N ARG A 142 2.20 4.88 27.34
CA ARG A 142 1.56 5.20 28.60
C ARG A 142 0.22 4.46 28.69
N GLU A 143 -0.41 4.21 27.56
CA GLU A 143 -1.70 3.53 27.57
C GLU A 143 -1.56 2.03 27.86
N ALA A 144 -0.40 1.46 27.62
CA ALA A 144 -0.17 0.03 27.87
C ALA A 144 -0.11 -0.24 29.37
N GLN A 145 -0.02 0.82 30.16
CA GLN A 145 0.05 0.69 31.62
C GLN A 145 -1.27 0.19 32.21
N ALA A 146 -2.38 0.45 31.53
CA ALA A 146 -3.68 0.00 32.02
C ALA A 146 -3.75 -1.52 31.98
N GLY A 147 -2.71 -2.16 31.46
CA GLY A 147 -2.68 -3.61 31.45
C GLY A 147 -3.09 -4.33 30.19
N THR A 148 -3.38 -3.57 29.15
CA THR A 148 -3.77 -4.16 27.87
C THR A 148 -2.53 -4.26 27.00
N GLU A 149 -2.59 -5.02 25.90
CA GLU A 149 -1.41 -5.13 25.04
C GLU A 149 -1.15 -3.80 24.35
N GLN A 150 0.11 -3.40 24.30
CA GLN A 150 0.48 -2.13 23.68
C GLN A 150 0.06 -2.03 22.22
N LEU A 151 -0.52 -0.89 21.86
CA LEU A 151 -0.95 -0.68 20.48
C LEU A 151 0.24 -0.51 19.54
N LEU A 152 0.06 -0.86 18.28
CA LEU A 152 1.12 -0.73 17.28
C LEU A 152 1.02 0.60 16.53
N LEU A 153 2.13 1.10 16.03
CA LEU A 153 2.14 2.34 15.29
C LEU A 153 3.01 2.14 14.06
N SER A 154 2.42 2.33 12.88
CA SER A 154 3.14 2.17 11.64
C SER A 154 2.85 3.35 10.75
N ALA A 155 3.57 3.43 9.63
CA ALA A 155 3.40 4.52 8.68
C ALA A 155 3.68 4.05 7.25
N ALA A 156 2.91 4.58 6.32
CA ALA A 156 3.10 4.27 4.90
C ALA A 156 3.96 5.41 4.39
N VAL A 157 5.10 5.08 3.79
CA VAL A 157 6.03 6.11 3.33
C VAL A 157 6.32 6.11 1.83
N SER A 158 6.52 7.31 1.27
CA SER A 158 6.83 7.43 -0.14
C SER A 158 8.16 6.73 -0.44
N ALA A 159 8.33 6.29 -1.69
CA ALA A 159 9.57 5.62 -2.09
C ALA A 159 10.30 6.49 -3.11
N GLY A 160 9.90 7.75 -3.21
CA GLY A 160 10.54 8.66 -4.14
C GLY A 160 11.63 9.42 -3.43
N LYS A 161 12.87 9.24 -3.90
CA LYS A 161 14.03 9.89 -3.32
C LYS A 161 13.77 11.34 -2.96
N ILE A 162 13.22 12.09 -3.91
CA ILE A 162 12.92 13.48 -3.68
C ILE A 162 11.91 13.69 -2.56
N ALA A 163 10.85 12.87 -2.56
CA ALA A 163 9.81 12.95 -1.52
C ALA A 163 10.37 12.61 -0.14
N ILE A 164 11.23 11.61 -0.08
CA ILE A 164 11.82 11.19 1.17
C ILE A 164 12.70 12.31 1.72
N ASP A 165 13.56 12.85 0.85
CA ASP A 165 14.46 13.92 1.24
C ASP A 165 13.72 15.15 1.70
N ARG A 166 12.58 15.40 1.07
CA ARG A 166 11.78 16.57 1.39
C ARG A 166 11.05 16.57 2.73
N GLY A 167 10.31 15.51 3.03
CA GLY A 167 9.56 15.53 4.27
C GLY A 167 9.69 14.45 5.33
N TYR A 168 10.70 13.60 5.24
CA TYR A 168 10.85 12.55 6.25
C TYR A 168 12.21 12.54 6.95
N ASP A 169 12.17 12.45 8.27
CA ASP A 169 13.40 12.35 9.03
C ASP A 169 13.40 10.85 9.37
N ILE A 170 13.84 10.04 8.42
CA ILE A 170 13.86 8.59 8.59
C ILE A 170 14.55 8.05 9.84
N ALA A 171 15.74 8.55 10.15
CA ALA A 171 16.46 8.06 11.32
C ALA A 171 15.62 8.22 12.58
N GLN A 172 14.94 9.37 12.69
CA GLN A 172 14.10 9.64 13.83
C GLN A 172 12.85 8.76 13.88
N ILE A 173 11.95 8.91 12.91
CA ILE A 173 10.72 8.14 12.94
C ILE A 173 10.84 6.61 12.90
N SER A 174 12.02 6.08 12.63
CA SER A 174 12.16 4.62 12.62
C SER A 174 12.31 4.03 14.05
N ARG A 175 12.80 4.82 15.01
CA ARG A 175 12.98 4.35 16.39
C ARG A 175 11.61 4.14 17.03
N HIS A 176 10.68 5.01 16.66
CA HIS A 176 9.33 5.00 17.21
C HIS A 176 8.26 4.18 16.51
N LEU A 177 8.43 3.94 15.22
CA LEU A 177 7.44 3.18 14.46
C LEU A 177 7.75 1.70 14.58
N ASP A 178 6.70 0.88 14.65
CA ASP A 178 6.88 -0.57 14.78
C ASP A 178 7.33 -1.18 13.45
N PHE A 179 6.86 -0.58 12.36
CA PHE A 179 7.24 -0.98 11.01
C PHE A 179 6.90 0.14 10.02
N ILE A 180 7.59 0.14 8.89
CA ILE A 180 7.42 1.16 7.87
C ILE A 180 7.09 0.54 6.51
N SER A 181 5.91 0.86 5.97
CA SER A 181 5.52 0.34 4.67
C SER A 181 6.06 1.24 3.56
N LEU A 182 6.94 0.70 2.73
CA LEU A 182 7.50 1.45 1.61
C LEU A 182 6.57 1.38 0.39
N LEU A 183 5.99 2.51 0.00
CA LEU A 183 5.10 2.55 -1.15
C LEU A 183 5.89 2.42 -2.45
N THR A 184 6.51 1.26 -2.66
CA THR A 184 7.31 1.02 -3.86
C THR A 184 6.50 0.70 -5.12
N TYR A 185 5.49 1.51 -5.42
CA TYR A 185 4.72 1.22 -6.61
C TYR A 185 4.10 2.33 -7.42
N ASP A 186 4.37 3.59 -7.12
CA ASP A 186 3.79 4.60 -7.99
C ASP A 186 4.92 5.48 -8.49
N PHE A 187 5.85 4.83 -9.20
CA PHE A 187 7.06 5.41 -9.78
C PHE A 187 6.90 6.06 -11.19
N HIS A 188 6.00 5.50 -12.01
CA HIS A 188 5.75 6.10 -13.34
C HIS A 188 4.28 6.42 -13.22
N GLY A 189 3.54 6.27 -14.31
CA GLY A 189 2.14 6.65 -14.17
C GLY A 189 2.20 8.14 -13.88
N ALA A 190 1.58 8.57 -12.78
CA ALA A 190 1.57 10.00 -12.44
C ALA A 190 1.53 10.96 -13.63
N TRP A 191 0.53 10.83 -14.51
CA TRP A 191 0.42 11.72 -15.65
C TRP A 191 1.72 12.09 -16.34
N ARG A 192 2.30 11.16 -17.09
CA ARG A 192 3.52 11.46 -17.85
C ARG A 192 3.11 11.29 -19.33
N GLN A 193 3.98 11.67 -20.27
CA GLN A 193 3.61 11.57 -21.68
C GLN A 193 4.23 10.39 -22.40
N THR A 194 4.94 9.55 -21.66
CA THR A 194 5.57 8.37 -22.24
C THR A 194 4.98 7.16 -21.51
N VAL A 195 5.28 5.95 -22.00
CA VAL A 195 4.80 4.73 -21.37
C VAL A 195 5.88 4.27 -20.38
N GLY A 196 5.48 3.55 -19.32
CA GLY A 196 6.46 3.08 -18.35
C GLY A 196 5.85 2.29 -17.20
N HIS A 197 6.64 1.39 -16.61
CA HIS A 197 6.16 0.57 -15.50
C HIS A 197 6.17 1.32 -14.17
N HIS A 198 5.08 1.21 -13.40
CA HIS A 198 4.96 1.89 -12.13
C HIS A 198 5.67 1.24 -10.95
N SER A 199 5.85 -0.09 -10.99
CA SER A 199 6.52 -0.76 -9.88
C SER A 199 7.68 -1.65 -10.30
N PRO A 200 8.60 -1.13 -11.12
CA PRO A 200 9.73 -1.95 -11.55
C PRO A 200 10.61 -2.28 -10.36
N LEU A 201 11.27 -3.44 -10.42
CA LEU A 201 12.14 -3.86 -9.32
C LEU A 201 13.55 -3.28 -9.42
N PHE A 202 14.14 -3.35 -10.61
CA PHE A 202 15.50 -2.84 -10.85
C PHE A 202 15.49 -1.72 -11.87
N ALA A 203 16.58 -0.96 -11.93
CA ALA A 203 16.65 0.15 -12.88
C ALA A 203 16.72 -0.35 -14.32
N GLY A 204 17.60 -1.31 -14.57
CA GLY A 204 17.75 -1.84 -15.92
C GLY A 204 18.36 -0.82 -16.86
N ASN A 205 19.61 -1.05 -17.24
CA ASN A 205 20.39 -0.17 -18.13
C ASN A 205 19.63 0.57 -19.24
N GLU A 206 18.35 0.25 -19.42
CA GLU A 206 17.54 0.92 -20.42
C GLU A 206 16.81 2.13 -19.87
N ASP A 207 16.89 3.22 -20.60
CA ASP A 207 16.22 4.46 -20.21
C ASP A 207 16.52 4.96 -18.82
N ALA A 208 17.71 5.40 -18.64
CA ALA A 208 18.06 5.94 -17.37
C ALA A 208 17.91 7.42 -17.50
N SER A 209 17.69 8.00 -16.36
CA SER A 209 17.59 9.42 -16.18
C SER A 209 16.84 9.48 -14.88
N SER A 210 15.91 8.55 -14.64
CA SER A 210 15.30 8.64 -13.34
C SER A 210 15.58 7.38 -12.53
N ARG A 211 16.90 7.20 -12.47
CA ARG A 211 17.74 6.22 -11.79
C ARG A 211 17.27 5.83 -10.38
N PHE A 212 16.35 6.59 -9.81
CA PHE A 212 15.90 6.36 -8.44
C PHE A 212 14.51 5.76 -8.36
N SER A 213 13.91 5.49 -9.51
CA SER A 213 12.56 4.96 -9.55
C SER A 213 12.46 3.45 -9.78
N ASN A 214 12.70 2.71 -8.69
CA ASN A 214 12.59 1.26 -8.68
C ASN A 214 12.69 0.84 -7.22
N ALA A 215 12.16 -0.34 -6.90
CA ALA A 215 12.18 -0.80 -5.53
C ALA A 215 13.62 -0.94 -5.00
N ASP A 216 14.51 -1.51 -5.80
CA ASP A 216 15.88 -1.68 -5.34
C ASP A 216 16.51 -0.37 -4.85
N TYR A 217 16.39 0.70 -5.64
CA TYR A 217 16.98 1.96 -5.21
C TYR A 217 16.32 2.46 -3.92
N ALA A 218 15.00 2.60 -3.97
CA ALA A 218 14.24 3.08 -2.82
C ALA A 218 14.60 2.33 -1.53
N VAL A 219 14.84 1.02 -1.64
CA VAL A 219 15.20 0.23 -0.47
C VAL A 219 16.61 0.51 0.04
N SER A 220 17.58 0.42 -0.85
CA SER A 220 18.97 0.66 -0.50
C SER A 220 19.11 2.03 0.18
N TYR A 221 18.34 3.00 -0.30
CA TYR A 221 18.36 4.37 0.22
C TYR A 221 17.84 4.37 1.66
N MET A 222 16.61 3.91 1.87
CA MET A 222 16.04 3.87 3.21
C MET A 222 17.06 3.27 4.18
N LEU A 223 17.73 2.21 3.75
CA LEU A 223 18.73 1.60 4.62
C LEU A 223 19.87 2.58 4.90
N ARG A 224 20.34 3.28 3.87
CA ARG A 224 21.44 4.23 4.03
C ARG A 224 21.04 5.39 4.95
N LEU A 225 19.76 5.75 4.93
CA LEU A 225 19.27 6.84 5.76
C LEU A 225 19.14 6.52 7.23
N GLY A 226 19.16 5.24 7.58
CA GLY A 226 19.07 4.89 8.98
C GLY A 226 17.95 3.97 9.42
N ALA A 227 17.08 3.56 8.49
CA ALA A 227 16.00 2.66 8.86
C ALA A 227 16.57 1.25 9.01
N PRO A 228 16.22 0.53 10.09
CA PRO A 228 16.79 -0.82 10.19
C PRO A 228 15.99 -1.75 9.29
N ALA A 229 16.66 -2.76 8.73
CA ALA A 229 15.98 -3.69 7.87
C ALA A 229 14.85 -4.40 8.59
N ASN A 230 15.02 -4.75 9.87
CA ASN A 230 13.92 -5.44 10.50
C ASN A 230 12.69 -4.60 10.78
N LYS A 231 12.66 -3.38 10.25
CA LYS A 231 11.53 -2.49 10.44
C LYS A 231 10.90 -2.07 9.11
N LEU A 232 11.51 -2.48 8.00
CA LEU A 232 11.02 -2.13 6.68
C LEU A 232 10.20 -3.21 6.08
N VAL A 233 9.14 -2.78 5.40
CA VAL A 233 8.26 -3.71 4.72
C VAL A 233 8.16 -3.17 3.29
N MET A 234 8.36 -4.03 2.30
CA MET A 234 8.29 -3.55 0.93
C MET A 234 6.93 -3.72 0.29
N GLY A 235 6.41 -2.62 -0.26
CA GLY A 235 5.09 -2.65 -0.88
C GLY A 235 4.97 -3.34 -2.22
N ILE A 236 4.02 -4.26 -2.32
CA ILE A 236 3.79 -4.98 -3.57
C ILE A 236 2.38 -4.67 -4.06
N PRO A 237 2.26 -4.11 -5.28
CA PRO A 237 0.93 -3.78 -5.79
C PRO A 237 0.17 -4.98 -6.32
N THR A 238 -1.15 -4.83 -6.35
CA THR A 238 -2.02 -5.88 -6.82
C THR A 238 -2.86 -5.36 -7.97
N PHE A 239 -2.59 -4.13 -8.37
CA PHE A 239 -3.29 -3.48 -9.45
C PHE A 239 -2.29 -3.04 -10.50
N GLY A 240 -2.77 -2.75 -11.70
CA GLY A 240 -1.87 -2.29 -12.74
C GLY A 240 -2.27 -0.88 -13.09
N ARG A 241 -1.38 -0.13 -13.69
CA ARG A 241 -1.77 1.22 -14.10
C ARG A 241 -1.86 1.15 -15.64
N SER A 242 -2.90 1.68 -16.22
CA SER A 242 -3.15 1.63 -17.67
C SER A 242 -2.96 2.94 -18.44
N PHE A 243 -2.70 2.84 -19.74
CA PHE A 243 -2.51 4.00 -20.60
C PHE A 243 -3.16 3.82 -21.97
N THR A 244 -3.62 4.92 -22.55
CA THR A 244 -4.20 4.87 -23.89
C THR A 244 -3.09 5.32 -24.82
N LEU A 245 -2.61 4.39 -25.65
CA LEU A 245 -1.53 4.67 -26.60
C LEU A 245 -1.91 5.76 -27.59
N ALA A 246 -0.91 6.52 -28.03
CA ALA A 246 -1.15 7.60 -28.98
C ALA A 246 -0.50 7.26 -30.32
N SER A 247 -0.11 6.00 -30.48
CA SER A 247 0.50 5.53 -31.72
C SER A 247 0.55 3.99 -31.68
N SER A 248 0.94 3.38 -32.79
CA SER A 248 1.02 1.92 -32.81
C SER A 248 2.30 1.45 -32.13
N LYS A 249 3.09 2.41 -31.61
CA LYS A 249 4.33 2.07 -30.92
C LYS A 249 3.97 1.48 -29.57
N THR A 250 4.50 0.29 -29.30
CA THR A 250 4.19 -0.42 -28.06
C THR A 250 5.36 -0.62 -27.09
N ASP A 251 6.59 -0.49 -27.57
CA ASP A 251 7.76 -0.67 -26.72
C ASP A 251 8.10 0.55 -25.88
N VAL A 252 9.13 0.42 -25.04
CA VAL A 252 9.53 1.52 -24.18
C VAL A 252 9.71 2.79 -24.99
N GLY A 253 9.17 3.89 -24.44
CA GLY A 253 9.27 5.19 -25.09
C GLY A 253 7.94 5.62 -25.70
N ALA A 254 7.15 4.66 -26.18
CA ALA A 254 5.87 4.94 -26.81
C ALA A 254 5.05 6.04 -26.09
N PRO A 255 4.58 7.02 -26.89
CA PRO A 255 3.78 8.17 -26.48
C PRO A 255 2.42 7.79 -25.92
N VAL A 256 1.96 8.58 -24.97
CA VAL A 256 0.69 8.33 -24.34
C VAL A 256 -0.29 9.46 -24.54
N SER A 257 -1.52 9.11 -24.85
CA SER A 257 -2.55 10.11 -25.06
C SER A 257 -3.24 10.43 -23.73
N GLY A 258 -3.00 9.59 -22.74
CA GLY A 258 -3.60 9.78 -21.43
C GLY A 258 -3.78 8.45 -20.72
N PRO A 259 -4.51 8.43 -19.59
CA PRO A 259 -4.72 7.20 -18.84
C PRO A 259 -5.56 6.19 -19.62
N GLY A 260 -5.57 4.95 -19.15
CA GLY A 260 -6.35 3.93 -19.82
C GLY A 260 -7.84 3.97 -19.51
N VAL A 261 -8.59 3.29 -20.36
CA VAL A 261 -10.03 3.19 -20.21
C VAL A 261 -10.29 2.50 -18.87
N PRO A 262 -11.39 2.86 -18.20
CA PRO A 262 -11.79 2.30 -16.91
C PRO A 262 -12.05 0.79 -16.87
N GLY A 263 -11.76 0.19 -15.72
CA GLY A 263 -12.00 -1.22 -15.55
C GLY A 263 -13.51 -1.35 -15.42
N ARG A 264 -14.05 -2.52 -15.73
CA ARG A 264 -15.48 -2.70 -15.64
C ARG A 264 -16.06 -2.67 -14.21
N PHE A 265 -15.27 -3.10 -13.23
CA PHE A 265 -15.74 -3.10 -11.85
C PHE A 265 -15.11 -1.98 -11.00
N THR A 266 -13.85 -1.67 -11.28
CA THR A 266 -13.16 -0.63 -10.53
C THR A 266 -13.57 0.76 -10.97
N LYS A 267 -14.01 0.88 -12.22
CA LYS A 267 -14.48 2.16 -12.75
C LYS A 267 -13.63 3.38 -12.40
N GLU A 268 -12.34 3.35 -12.74
CA GLU A 268 -11.47 4.48 -12.47
C GLU A 268 -10.37 4.52 -13.54
N LYS A 269 -10.31 5.62 -14.29
CA LYS A 269 -9.31 5.76 -15.33
C LYS A 269 -7.91 5.58 -14.76
N GLY A 270 -7.05 4.91 -15.52
CA GLY A 270 -5.69 4.73 -15.06
C GLY A 270 -5.35 3.48 -14.28
N ILE A 271 -6.31 2.85 -13.62
CA ILE A 271 -5.98 1.62 -12.89
C ILE A 271 -6.94 0.49 -13.20
N LEU A 272 -6.45 -0.74 -13.00
CA LEU A 272 -7.21 -1.94 -13.23
C LEU A 272 -6.91 -2.88 -12.09
N ALA A 273 -7.90 -3.64 -11.64
CA ALA A 273 -7.68 -4.60 -10.58
C ALA A 273 -6.95 -5.77 -11.22
N TYR A 274 -6.28 -6.59 -10.42
CA TYR A 274 -5.60 -7.71 -11.01
C TYR A 274 -6.61 -8.63 -11.67
N TYR A 275 -7.77 -8.79 -11.06
CA TYR A 275 -8.76 -9.66 -11.65
C TYR A 275 -9.31 -9.10 -12.94
N GLU A 276 -9.34 -7.78 -13.10
CA GLU A 276 -9.80 -7.19 -14.35
C GLU A 276 -8.71 -7.39 -15.38
N ILE A 277 -7.46 -7.47 -14.91
CA ILE A 277 -6.32 -7.68 -15.79
C ILE A 277 -6.29 -9.12 -16.26
N CYS A 278 -6.70 -10.05 -15.39
CA CYS A 278 -6.73 -11.45 -15.79
C CYS A 278 -7.67 -11.57 -16.99
N ASP A 279 -8.76 -10.82 -16.94
CA ASP A 279 -9.75 -10.83 -18.01
C ASP A 279 -9.21 -10.11 -19.24
N PHE A 280 -8.50 -9.01 -19.01
CA PHE A 280 -7.92 -8.20 -20.07
C PHE A 280 -6.86 -8.95 -20.89
N LEU A 281 -6.21 -9.93 -20.28
CA LEU A 281 -5.17 -10.68 -20.96
C LEU A 281 -5.59 -11.53 -22.16
N HIS A 282 -6.80 -12.08 -22.15
CA HIS A 282 -7.30 -12.89 -23.25
C HIS A 282 -7.40 -12.01 -24.51
N GLY A 283 -6.51 -12.37 -25.45
CA GLY A 283 -6.36 -11.71 -26.77
C GLY A 283 -5.38 -10.53 -26.71
N ALA A 284 -4.52 -10.47 -25.70
CA ALA A 284 -3.57 -9.36 -25.60
C ALA A 284 -2.16 -9.92 -25.73
N THR A 285 -1.23 -9.06 -26.16
CA THR A 285 0.16 -9.48 -26.29
C THR A 285 0.80 -9.23 -24.95
N THR A 286 1.60 -10.17 -24.46
CA THR A 286 2.25 -9.98 -23.19
C THR A 286 3.76 -9.85 -23.35
N HIS A 287 4.33 -8.89 -22.63
CA HIS A 287 5.76 -8.63 -22.70
C HIS A 287 6.30 -8.53 -21.28
N ARG A 288 7.62 -8.60 -21.15
CA ARG A 288 8.25 -8.50 -19.84
C ARG A 288 9.62 -7.84 -19.90
N PHE A 289 9.76 -6.70 -19.21
CA PHE A 289 11.05 -6.01 -19.17
C PHE A 289 11.94 -6.97 -18.40
N ARG A 290 12.96 -7.53 -19.03
CA ARG A 290 13.82 -8.47 -18.32
C ARG A 290 14.74 -7.70 -17.38
N ASP A 291 15.03 -6.45 -17.73
CA ASP A 291 15.88 -5.61 -16.90
C ASP A 291 15.26 -5.31 -15.54
N GLN A 292 13.98 -4.92 -15.55
CA GLN A 292 13.25 -4.56 -14.34
C GLN A 292 12.44 -5.72 -13.74
N GLN A 293 12.27 -6.77 -14.54
CA GLN A 293 11.55 -7.96 -14.11
C GLN A 293 10.09 -7.79 -13.75
N VAL A 294 9.38 -7.06 -14.60
CA VAL A 294 7.95 -6.82 -14.43
C VAL A 294 7.33 -6.87 -15.82
N PRO A 295 6.09 -7.38 -15.92
CA PRO A 295 5.43 -7.48 -17.21
C PRO A 295 4.55 -6.30 -17.60
N TYR A 296 4.07 -6.33 -18.85
CA TYR A 296 3.14 -5.34 -19.38
C TYR A 296 2.39 -5.98 -20.55
N ALA A 297 1.19 -5.49 -20.83
CA ALA A 297 0.42 -6.06 -21.92
C ALA A 297 -0.18 -4.98 -22.81
N THR A 298 -0.62 -5.39 -23.99
CA THR A 298 -1.22 -4.48 -24.94
C THR A 298 -2.29 -5.20 -25.71
N LYS A 299 -3.30 -4.44 -26.12
CA LYS A 299 -4.42 -4.98 -26.86
C LYS A 299 -5.16 -3.74 -27.36
N GLY A 300 -5.16 -3.54 -28.67
CA GLY A 300 -5.80 -2.37 -29.22
C GLY A 300 -4.94 -1.19 -28.87
N ASN A 301 -5.53 -0.12 -28.33
CA ASN A 301 -4.74 1.05 -27.98
C ASN A 301 -4.56 1.14 -26.46
N GLN A 302 -4.66 0.00 -25.79
CA GLN A 302 -4.49 -0.05 -24.34
C GLN A 302 -3.16 -0.71 -23.98
N TRP A 303 -2.40 -0.04 -23.12
CA TRP A 303 -1.10 -0.57 -22.67
C TRP A 303 -1.20 -0.71 -21.15
N VAL A 304 -0.86 -1.88 -20.62
CA VAL A 304 -0.97 -2.11 -19.19
C VAL A 304 0.28 -2.63 -18.48
N ALA A 305 0.71 -1.89 -17.46
CA ALA A 305 1.87 -2.26 -16.64
C ALA A 305 1.32 -2.89 -15.36
N TYR A 306 1.66 -4.15 -15.12
CA TYR A 306 1.14 -4.82 -13.94
C TYR A 306 2.12 -5.79 -13.30
N ASP A 307 1.61 -6.57 -12.36
CA ASP A 307 2.40 -7.57 -11.65
C ASP A 307 1.73 -8.92 -11.67
N ASP A 308 2.42 -9.94 -12.17
CA ASP A 308 1.83 -11.26 -12.16
C ASP A 308 2.47 -12.05 -11.02
N GLN A 309 2.15 -13.33 -10.90
CA GLN A 309 2.70 -14.14 -9.82
C GLN A 309 4.21 -14.24 -9.83
N GLU A 310 4.77 -14.29 -11.03
CA GLU A 310 6.20 -14.39 -11.20
C GLU A 310 6.92 -13.13 -10.68
N SER A 311 6.45 -11.96 -11.10
CA SER A 311 7.11 -10.73 -10.67
C SER A 311 6.94 -10.51 -9.18
N VAL A 312 5.87 -11.05 -8.64
CA VAL A 312 5.58 -10.90 -7.22
C VAL A 312 6.43 -11.85 -6.36
N LYS A 313 6.66 -13.07 -6.85
CA LYS A 313 7.48 -14.03 -6.09
C LYS A 313 8.89 -13.50 -6.14
N ASN A 314 9.18 -12.83 -7.24
CA ASN A 314 10.48 -12.24 -7.49
C ASN A 314 10.79 -11.12 -6.49
N LYS A 315 9.80 -10.27 -6.27
CA LYS A 315 9.95 -9.16 -5.35
C LYS A 315 10.09 -9.72 -3.93
N ALA A 316 9.34 -10.78 -3.65
CA ALA A 316 9.39 -11.42 -2.34
C ALA A 316 10.77 -12.00 -2.05
N ARG A 317 11.39 -12.66 -3.03
CA ARG A 317 12.73 -13.22 -2.83
C ARG A 317 13.69 -12.08 -2.54
N TYR A 318 13.50 -10.97 -3.26
CA TYR A 318 14.36 -9.83 -3.06
C TYR A 318 14.33 -9.33 -1.64
N LEU A 319 13.15 -8.98 -1.11
CA LEU A 319 13.13 -8.47 0.24
C LEU A 319 13.69 -9.48 1.24
N LYS A 320 13.56 -10.78 0.94
CA LYS A 320 14.10 -11.80 1.83
C LYS A 320 15.63 -11.71 1.81
N ASN A 321 16.19 -11.63 0.60
CA ASN A 321 17.63 -11.54 0.43
C ASN A 321 18.28 -10.32 1.06
N ARG A 322 17.49 -9.28 1.30
CA ARG A 322 18.03 -8.09 1.94
C ARG A 322 17.65 -8.05 3.43
N GLN A 323 17.01 -9.12 3.88
CA GLN A 323 16.58 -9.28 5.27
C GLN A 323 15.61 -8.21 5.76
N LEU A 324 14.61 -7.93 4.94
CA LEU A 324 13.61 -6.96 5.31
C LEU A 324 12.64 -7.63 6.27
N ALA A 325 11.78 -6.83 6.89
CA ALA A 325 10.82 -7.38 7.85
C ALA A 325 9.68 -8.13 7.17
N GLY A 326 9.37 -7.77 5.93
CA GLY A 326 8.30 -8.46 5.22
C GLY A 326 7.79 -7.68 4.03
N ALA A 327 6.60 -8.06 3.57
CA ALA A 327 6.00 -7.40 2.42
C ALA A 327 4.67 -6.78 2.80
N MET A 328 4.28 -5.75 2.06
CA MET A 328 3.03 -5.04 2.26
C MET A 328 2.30 -5.17 0.92
N VAL A 329 1.00 -5.45 0.98
CA VAL A 329 0.20 -5.62 -0.22
C VAL A 329 -0.95 -4.65 -0.32
N TRP A 330 -1.03 -3.94 -1.44
CA TRP A 330 -2.12 -3.01 -1.69
C TRP A 330 -2.75 -3.46 -2.99
N ALA A 331 -3.97 -4.01 -2.95
CA ALA A 331 -4.75 -4.23 -1.74
C ALA A 331 -5.52 -5.54 -1.92
N LEU A 332 -5.92 -6.16 -0.82
CA LEU A 332 -6.63 -7.44 -0.88
C LEU A 332 -7.82 -7.47 -1.82
N ASP A 333 -8.55 -6.35 -1.90
CA ASP A 333 -9.75 -6.26 -2.73
C ASP A 333 -9.47 -6.06 -4.22
N LEU A 334 -8.20 -5.94 -4.58
CA LEU A 334 -7.86 -5.74 -6.00
C LEU A 334 -7.23 -7.00 -6.56
N ASP A 335 -6.95 -7.94 -5.65
CA ASP A 335 -6.38 -9.24 -6.00
C ASP A 335 -7.63 -10.05 -6.38
N ASP A 336 -7.46 -11.26 -6.90
CA ASP A 336 -8.63 -12.06 -7.25
C ASP A 336 -9.14 -12.75 -5.96
N PHE A 337 -9.81 -11.97 -5.10
CA PHE A 337 -10.31 -12.55 -3.85
C PHE A 337 -11.35 -13.66 -4.00
N ARG A 338 -12.17 -13.62 -5.05
CA ARG A 338 -13.14 -14.70 -5.24
C ARG A 338 -12.40 -15.86 -5.91
N GLY A 339 -11.32 -15.52 -6.62
CA GLY A 339 -10.52 -16.52 -7.29
C GLY A 339 -11.20 -17.18 -8.48
N THR A 340 -12.10 -16.46 -9.12
CA THR A 340 -12.83 -17.00 -10.25
C THR A 340 -12.56 -16.28 -11.56
N PHE A 341 -11.64 -15.32 -11.56
CA PHE A 341 -11.32 -14.56 -12.76
C PHE A 341 -10.00 -14.95 -13.44
N CYS A 342 -9.05 -15.43 -12.63
CA CYS A 342 -7.72 -15.73 -13.12
C CYS A 342 -7.32 -17.13 -13.57
N GLY A 343 -8.25 -18.05 -13.72
CA GLY A 343 -7.81 -19.38 -14.13
C GLY A 343 -7.72 -20.27 -12.92
N GLN A 344 -6.54 -20.82 -12.65
CA GLN A 344 -6.36 -21.72 -11.51
C GLN A 344 -7.27 -21.31 -10.35
N ASN A 345 -8.21 -22.19 -10.01
CA ASN A 345 -9.15 -21.91 -8.92
C ASN A 345 -8.37 -21.74 -7.63
N LEU A 346 -7.88 -20.53 -7.42
CA LEU A 346 -7.10 -20.19 -6.25
C LEU A 346 -7.53 -18.79 -5.81
N THR A 347 -7.97 -18.69 -4.57
CA THR A 347 -8.43 -17.44 -4.00
C THR A 347 -7.21 -16.60 -3.59
N PHE A 348 -7.15 -15.35 -4.06
CA PHE A 348 -6.02 -14.45 -3.76
C PHE A 348 -4.71 -14.99 -4.37
N PRO A 349 -4.63 -15.09 -5.71
CA PRO A 349 -3.40 -15.60 -6.32
C PRO A 349 -2.14 -14.78 -6.04
N LEU A 350 -2.22 -13.45 -6.20
CA LEU A 350 -1.07 -12.60 -5.96
C LEU A 350 -0.59 -12.61 -4.52
N THR A 351 -1.45 -12.25 -3.58
CA THR A 351 -1.04 -12.24 -2.18
C THR A 351 -0.51 -13.60 -1.75
N SER A 352 -1.14 -14.68 -2.20
CA SER A 352 -0.69 -16.02 -1.82
C SER A 352 0.71 -16.33 -2.33
N ALA A 353 0.97 -15.97 -3.58
CA ALA A 353 2.27 -16.20 -4.17
C ALA A 353 3.29 -15.56 -3.24
N VAL A 354 3.01 -14.35 -2.75
CA VAL A 354 3.95 -13.70 -1.85
C VAL A 354 4.10 -14.51 -0.57
N LYS A 355 2.98 -14.92 0.03
CA LYS A 355 3.03 -15.68 1.26
C LYS A 355 3.85 -16.96 1.15
N ASP A 356 3.77 -17.62 -0.01
CA ASP A 356 4.51 -18.86 -0.23
C ASP A 356 6.01 -18.63 -0.19
N VAL A 357 6.48 -17.61 -0.90
CA VAL A 357 7.90 -17.32 -0.90
C VAL A 357 8.40 -16.97 0.49
N LEU A 358 7.58 -16.22 1.22
CA LEU A 358 7.90 -15.80 2.57
C LEU A 358 7.92 -16.98 3.53
N ALA A 359 7.19 -18.03 3.20
CA ALA A 359 7.12 -19.20 4.05
C ALA A 359 8.27 -20.16 3.82
N GLU A 360 9.01 -19.98 2.72
CA GLU A 360 10.16 -20.85 2.41
C GLU A 360 11.38 -20.41 3.21
N VAL A 361 12.50 -21.08 2.97
CA VAL A 361 13.75 -20.77 3.66
C VAL A 361 14.16 -19.30 3.43
C1 NAG B . -14.17 14.16 7.44
C2 NAG B . -15.59 14.28 6.81
C3 NAG B . -16.02 15.74 6.41
C4 NAG B . -15.55 16.84 7.39
C5 NAG B . -14.09 16.50 7.77
C6 NAG B . -13.37 17.48 8.68
C7 NAG B . -16.31 12.28 5.70
C8 NAG B . -16.65 11.58 4.41
N2 NAG B . -15.66 13.43 5.64
O3 NAG B . -17.44 15.81 6.32
O4 NAG B . -15.58 18.16 6.76
O5 NAG B . -14.00 15.20 8.39
O6 NAG B . -13.72 17.29 10.04
O7 NAG B . -16.64 11.77 6.78
C1 NAG B . -16.77 18.88 6.49
C2 NAG B . -16.39 20.16 5.68
C3 NAG B . -17.48 21.27 5.73
C4 NAG B . -18.79 20.67 6.23
C5 NAG B . -18.53 20.17 7.65
C6 NAG B . -19.71 19.48 8.29
C7 NAG B . -14.00 20.25 5.67
C8 NAG B . -12.78 21.15 5.78
N2 NAG B . -15.13 20.68 6.19
O3 NAG B . -17.64 21.84 4.44
O4 NAG B . -19.89 21.66 6.23
O5 NAG B . -17.39 19.24 7.74
O6 NAG B . -19.99 18.26 7.62
O7 NAG B . -13.90 19.16 5.09
C1 MAN B . -19.95 22.70 5.29
C2 MAN B . -19.61 24.04 5.93
C3 MAN B . -20.63 24.40 6.99
C4 MAN B . -22.09 24.28 6.50
C5 MAN B . -22.35 23.02 5.64
C6 MAN B . -23.62 23.15 4.81
O2 MAN B . -19.57 25.07 4.95
O3 MAN B . -20.40 25.71 7.45
O4 MAN B . -22.92 24.20 7.68
O5 MAN B . -21.27 22.75 4.71
O6 MAN B . -23.92 21.96 4.09
C1 MAN B . -22.34 23.52 8.75
C2 MAN B . -23.28 22.44 9.28
C3 MAN B . -23.83 22.74 10.65
C4 MAN B . -22.72 23.10 11.58
C5 MAN B . -21.95 24.34 11.13
C6 MAN B . -20.56 24.41 11.74
O2 MAN B . -22.60 21.19 9.29
O3 MAN B . -24.50 21.57 11.13
O4 MAN B . -23.27 23.35 12.86
O5 MAN B . -21.79 24.50 9.68
O6 MAN B . -20.28 25.68 12.30
C1 NAG C . -0.99 3.80 -1.93
C2 NAG C . -2.08 4.34 -0.95
C3 NAG C . -3.53 4.60 -1.52
C4 NAG C . -3.46 4.84 -3.03
C5 NAG C . -2.79 3.64 -3.68
C6 NAG C . -2.75 3.93 -5.15
C7 NAG C . -1.35 3.53 1.21
C8 NAG C . -0.24 2.49 1.35
N2 NAG C . -2.18 3.42 0.18
O1 NAG C . 0.09 4.67 -2.01
O3 NAG C . -4.09 5.74 -0.89
O4 NAG C . -4.75 5.12 -3.74
O5 NAG C . -1.40 3.45 -3.28
O6 NAG C . -2.06 2.91 -5.87
O7 NAG C . -1.46 4.43 2.06
C1 NAG C . -6.04 4.77 -3.28
C2 NAG C . -7.00 4.26 -4.43
C3 NAG C . -8.12 5.23 -4.89
C4 NAG C . -8.75 5.83 -3.64
C5 NAG C . -7.68 6.65 -2.92
C6 NAG C . -8.31 7.22 -1.65
C7 NAG C . -6.17 2.55 -5.92
C8 NAG C . -5.79 2.17 -7.36
N2 NAG C . -6.24 3.84 -5.60
O3 NAG C . -9.12 4.53 -5.64
O4 NAG C . -9.84 6.70 -4.02
O5 NAG C . -6.55 5.85 -2.44
O6 NAG C . -7.34 7.89 -0.87
O7 NAG C . -6.41 1.64 -5.10
C1 NAG C . -11.12 6.16 -4.08
C2 NAG C . -12.03 6.70 -2.97
C3 NAG C . -13.45 6.06 -3.09
C4 NAG C . -13.99 6.23 -4.56
C5 NAG C . -12.93 5.86 -5.61
C6 NAG C . -13.33 6.24 -7.02
C7 NAG C . -11.79 7.26 -0.61
C8 NAG C . -11.19 6.94 0.77
N2 NAG C . -11.44 6.48 -1.64
O3 NAG C . -14.30 6.73 -2.16
O4 NAG C . -15.18 5.43 -4.87
O5 NAG C . -11.67 6.53 -5.35
O6 NAG C . -12.44 5.64 -7.96
O7 NAG C . -12.57 8.22 -0.74
C1 NAG C . -16.41 6.02 -4.54
C2 NAG C . -17.65 5.18 -5.12
C3 NAG C . -18.95 5.61 -4.43
C4 NAG C . -18.82 5.84 -2.92
C5 NAG C . -17.57 6.53 -2.47
C6 NAG C . -17.47 6.33 -0.94
C7 NAG C . -17.44 5.83 -7.58
C8 NAG C . -18.08 7.20 -7.99
N2 NAG C . -17.99 5.14 -6.56
O3 NAG C . -19.97 4.62 -4.66
O4 NAG C . -19.84 6.74 -2.58
O5 NAG C . -16.43 5.92 -3.09
O6 NAG C . -16.17 5.88 -0.51
O7 NAG C . -16.53 5.34 -8.29
C1 NAG C . -21.06 6.00 -1.96
C2 NAG C . -21.81 6.79 -0.93
C3 NAG C . -22.67 5.84 -0.10
C4 NAG C . -23.67 5.31 -1.20
C5 NAG C . -23.04 4.84 -2.56
C6 NAG C . -23.88 4.57 -3.81
C7 NAG C . -20.14 7.89 0.66
C8 NAG C . -18.83 8.65 0.33
N2 NAG C . -21.14 7.92 -0.24
O3 NAG C . -23.35 6.58 0.94
O4 NAG C . -24.40 4.20 -0.67
O5 NAG C . -21.99 5.76 -3.00
O6 NAG C . -22.99 4.43 -4.92
O7 NAG C . -20.25 7.36 1.76
#